data_2D7I
#
_entry.id   2D7I
#
_cell.length_a   79.855
_cell.length_b   133.375
_cell.length_c   138.713
_cell.angle_alpha   90.00
_cell.angle_beta   90.00
_cell.angle_gamma   90.00
#
_symmetry.space_group_name_H-M   'C 2 2 21'
#
loop_
_entity.id
_entity.type
_entity.pdbx_description
1 polymer 'Polypeptide N-acetylgalactosaminyltransferase 10'
2 branched 2-acetamido-2-deoxy-beta-D-glucopyranose-(1-4)-2-acetamido-2-deoxy-beta-D-glucopyranose
3 non-polymer 2-acetamido-2-deoxy-beta-D-glucopyranose
4 non-polymer 2-acetamido-2-deoxy-beta-D-galactopyranose
5 non-polymer 'MANGANESE (II) ION'
6 non-polymer "URIDINE-5'-DIPHOSPHATE"
7 water water
#
_entity_poly.entity_id   1
_entity_poly.type   'polypeptide(L)'
_entity_poly.pdbx_seq_one_letter_code
;HHHHHHPGGSGAAVAPAAGQGSHSRQKKTFFLGDGQKLKDWHDKEAIRRDAQRVGNGEQGRPYPMTDAERVDQAYRENGF
NIYVSDKISLNRSLPDIRHPNCNSKRYLETLPNTSIIIPFHNEGWSSLLRTVHSVLNRSPPELVAEIVLVDDFSDREHLK
KPLEDYMALFPSVRILRTKKREGLIRTRMLGASVATGDVITFLDSHCEANVNWLPPLLDRIARNRKTIVCPMIDVIDHDD
FRYETQAGDAMRGAFDWEMYYKRIPIPPELQKADPSDPFESPVMAGGLFAVDRKWFWELGGYDPGLEIWGGEQYEISFKV
WMCGGRMEDIPCSRVGHIYRKYVPYKVPAGVSLARNLKRVAEVWMDEYAEYIYQRRPEYRHLSAGDVAVQKKLRSSLNCK
SFKWFMTKIAWDLPKFYPPVEPPAAAWGEIRNVGTGLCADTKHGALGSPLRLEGCVRGRGEAAWNNMQVFTFTWREDIRP
GDPQHTKKFCFDAISHTSPVTLYDCHSMKGNQLWKYRKDKTLYHPVSGSCMDCSESDHRIFMNTCNPSSLTQQWLFEHTN
STVLEKFNRN
;
_entity_poly.pdbx_strand_id   A
#
loop_
_chem_comp.id
_chem_comp.type
_chem_comp.name
_chem_comp.formula
MN non-polymer 'MANGANESE (II) ION' 'Mn 2'
NAG D-saccharide, beta linking 2-acetamido-2-deoxy-beta-D-glucopyranose 'C8 H15 N O6'
NGA D-saccharide, beta linking 2-acetamido-2-deoxy-beta-D-galactopyranose 'C8 H15 N O6'
UDP RNA linking URIDINE-5'-DIPHOSPHATE 'C9 H14 N2 O12 P2'
#
# COMPACT_ATOMS: atom_id res chain seq x y z
N GLY A 35 -29.15 -25.53 -8.54
CA GLY A 35 -28.43 -25.68 -9.83
C GLY A 35 -27.29 -24.68 -9.98
N GLN A 36 -26.10 -25.18 -10.30
CA GLN A 36 -24.93 -24.33 -10.49
C GLN A 36 -24.69 -24.01 -11.96
N LYS A 37 -25.74 -23.59 -12.66
CA LYS A 37 -25.60 -23.23 -14.07
C LYS A 37 -24.63 -22.06 -14.18
N LEU A 38 -23.48 -22.27 -14.81
CA LEU A 38 -22.50 -21.21 -14.95
C LEU A 38 -22.80 -20.25 -16.09
N LYS A 39 -21.91 -19.27 -16.29
CA LYS A 39 -22.10 -18.26 -17.33
C LYS A 39 -20.80 -17.52 -17.65
N ASP A 40 -20.70 -16.99 -18.85
CA ASP A 40 -19.52 -16.21 -19.27
C ASP A 40 -19.97 -14.77 -19.20
N TRP A 41 -19.71 -14.12 -18.07
CA TRP A 41 -20.15 -12.73 -17.88
C TRP A 41 -19.39 -11.67 -18.69
N HIS A 42 -18.49 -12.09 -19.57
CA HIS A 42 -17.77 -11.14 -20.40
C HIS A 42 -18.67 -10.49 -21.44
N ASP A 43 -18.59 -9.17 -21.55
CA ASP A 43 -19.39 -8.45 -22.53
C ASP A 43 -18.45 -8.21 -23.70
N LYS A 44 -18.29 -9.26 -24.51
CA LYS A 44 -17.39 -9.20 -25.66
C LYS A 44 -17.53 -7.94 -26.53
N GLU A 45 -18.75 -7.51 -26.78
CA GLU A 45 -18.95 -6.32 -27.59
C GLU A 45 -18.34 -5.09 -26.94
N ALA A 46 -18.59 -4.91 -25.65
CA ALA A 46 -18.04 -3.78 -24.94
C ALA A 46 -16.51 -3.81 -25.05
N ILE A 47 -15.91 -4.99 -24.90
CA ILE A 47 -14.46 -5.12 -25.00
C ILE A 47 -13.98 -4.70 -26.38
N ARG A 48 -14.79 -4.99 -27.39
CA ARG A 48 -14.44 -4.64 -28.76
C ARG A 48 -14.52 -3.13 -28.91
N ARG A 49 -15.66 -2.55 -28.52
CA ARG A 49 -15.84 -1.10 -28.61
C ARG A 49 -14.81 -0.34 -27.79
N ASP A 50 -14.48 -0.85 -26.60
CA ASP A 50 -13.48 -0.18 -25.77
C ASP A 50 -12.12 -0.27 -26.44
N ALA A 51 -11.85 -1.39 -27.09
CA ALA A 51 -10.58 -1.59 -27.76
C ALA A 51 -10.49 -0.65 -28.98
N GLN A 52 -11.65 -0.36 -29.58
CA GLN A 52 -11.72 0.51 -30.75
C GLN A 52 -11.77 1.99 -30.36
N ARG A 53 -11.79 2.27 -29.06
CA ARG A 53 -11.86 3.64 -28.54
C ARG A 53 -10.51 4.37 -28.71
N VAL A 54 -10.56 5.63 -29.11
CA VAL A 54 -9.34 6.42 -29.31
C VAL A 54 -9.42 7.82 -28.71
N GLY A 55 -8.29 8.33 -28.24
CA GLY A 55 -8.26 9.64 -27.63
C GLY A 55 -7.26 9.69 -26.48
N ASN A 56 -6.97 10.88 -25.98
CA ASN A 56 -6.01 11.00 -24.89
C ASN A 56 -6.38 10.17 -23.66
N GLY A 57 -5.42 9.33 -23.24
CA GLY A 57 -5.61 8.49 -22.07
C GLY A 57 -6.29 7.15 -22.32
N GLU A 58 -6.82 6.96 -23.52
CA GLU A 58 -7.50 5.71 -23.83
C GLU A 58 -6.57 4.51 -23.67
N GLN A 59 -7.15 3.35 -23.36
CA GLN A 59 -6.37 2.13 -23.16
C GLN A 59 -5.40 2.28 -21.99
N GLY A 60 -5.64 3.28 -21.14
CA GLY A 60 -4.80 3.51 -20.00
C GLY A 60 -3.48 4.20 -20.24
N ARG A 61 -3.14 4.50 -21.50
CA ARG A 61 -1.87 5.17 -21.80
C ARG A 61 -1.76 6.50 -21.09
N PRO A 62 -0.53 6.91 -20.74
CA PRO A 62 -0.32 8.19 -20.04
C PRO A 62 -0.80 9.37 -20.87
N TYR A 63 -1.19 10.43 -20.18
CA TYR A 63 -1.69 11.62 -20.85
C TYR A 63 -0.52 12.41 -21.41
N PRO A 64 -0.63 12.90 -22.66
CA PRO A 64 0.45 13.69 -23.28
C PRO A 64 0.66 15.00 -22.48
N MET A 65 1.45 14.94 -21.41
CA MET A 65 1.71 16.11 -20.56
C MET A 65 2.31 17.34 -21.24
N THR A 66 1.80 18.52 -20.90
CA THR A 66 2.35 19.78 -21.42
C THR A 66 2.52 20.70 -20.22
N ASP A 67 3.32 21.75 -20.38
CA ASP A 67 3.56 22.69 -19.30
C ASP A 67 2.27 23.19 -18.68
N ALA A 68 1.19 23.21 -19.46
CA ALA A 68 -0.09 23.66 -18.95
C ALA A 68 -0.58 22.75 -17.82
N GLU A 69 -0.55 21.44 -18.05
CA GLU A 69 -0.99 20.48 -17.03
C GLU A 69 0.03 20.27 -15.92
N ARG A 70 1.27 20.70 -16.15
CA ARG A 70 2.34 20.52 -15.17
C ARG A 70 2.40 21.57 -14.04
N VAL A 71 1.44 22.47 -13.98
CA VAL A 71 1.43 23.50 -12.95
C VAL A 71 1.19 22.89 -11.58
N ASP A 72 1.30 23.69 -10.53
CA ASP A 72 1.10 23.17 -9.17
C ASP A 72 -0.32 23.38 -8.67
N GLN A 73 -1.11 24.13 -9.43
CA GLN A 73 -2.49 24.36 -9.04
C GLN A 73 -3.32 23.14 -9.41
N ALA A 74 -2.82 22.35 -10.35
CA ALA A 74 -3.53 21.16 -10.78
C ALA A 74 -3.60 20.07 -9.70
N TYR A 75 -2.84 20.24 -8.60
CA TYR A 75 -2.85 19.26 -7.53
C TYR A 75 -3.50 19.76 -6.25
N ARG A 76 -3.38 21.06 -6.01
CA ARG A 76 -3.91 21.70 -4.80
C ARG A 76 -5.25 21.21 -4.27
N GLU A 77 -6.19 20.92 -5.18
CA GLU A 77 -7.52 20.47 -4.77
C GLU A 77 -7.72 18.98 -4.46
N ASN A 78 -6.96 18.11 -5.11
CA ASN A 78 -7.15 16.68 -4.88
C ASN A 78 -5.96 15.84 -4.51
N GLY A 79 -4.75 16.36 -4.70
CA GLY A 79 -3.59 15.54 -4.40
C GLY A 79 -3.20 14.81 -5.67
N PHE A 80 -4.01 14.99 -6.73
CA PHE A 80 -3.72 14.40 -8.04
C PHE A 80 -4.06 15.43 -9.11
N ASN A 81 -3.59 15.21 -10.33
CA ASN A 81 -3.78 16.18 -11.41
C ASN A 81 -5.16 16.30 -12.02
N ILE A 82 -5.94 17.24 -11.51
CA ILE A 82 -7.30 17.48 -11.98
C ILE A 82 -7.34 18.11 -13.40
N TYR A 83 -6.28 18.79 -13.81
CA TYR A 83 -6.26 19.37 -15.15
C TYR A 83 -6.22 18.25 -16.18
N VAL A 84 -5.46 17.21 -15.87
CA VAL A 84 -5.31 16.05 -16.73
C VAL A 84 -6.61 15.25 -16.70
N SER A 85 -7.13 15.08 -15.49
CA SER A 85 -8.36 14.34 -15.30
C SER A 85 -9.48 14.92 -16.18
N ASP A 86 -9.59 16.25 -16.18
CA ASP A 86 -10.62 16.92 -16.96
C ASP A 86 -10.47 16.71 -18.47
N LYS A 87 -9.22 16.52 -18.93
CA LYS A 87 -8.96 16.32 -20.36
C LYS A 87 -9.07 14.86 -20.80
N ILE A 88 -9.46 13.99 -19.88
CA ILE A 88 -9.62 12.56 -20.18
C ILE A 88 -11.09 12.19 -20.13
N SER A 89 -11.54 11.38 -21.07
CA SER A 89 -12.93 10.96 -21.11
C SER A 89 -13.39 10.24 -19.86
N LEU A 90 -14.58 10.59 -19.40
CA LEU A 90 -15.18 9.96 -18.24
C LEU A 90 -15.47 8.47 -18.50
N ASN A 91 -15.33 8.04 -19.75
CA ASN A 91 -15.56 6.64 -20.10
C ASN A 91 -14.28 6.02 -20.67
N ARG A 92 -13.14 6.70 -20.51
CA ARG A 92 -11.90 6.17 -21.09
C ARG A 92 -11.75 4.68 -20.92
N SER A 93 -11.13 4.03 -21.90
CA SER A 93 -10.91 2.58 -21.84
C SER A 93 -9.63 2.27 -21.06
N LEU A 94 -9.52 1.04 -20.57
CA LEU A 94 -8.36 0.62 -19.78
C LEU A 94 -7.76 -0.67 -20.33
N PRO A 95 -6.45 -0.86 -20.15
CA PRO A 95 -5.85 -2.10 -20.65
C PRO A 95 -6.33 -3.30 -19.82
N ASP A 96 -6.45 -4.46 -20.45
CA ASP A 96 -6.89 -5.65 -19.72
C ASP A 96 -5.65 -6.38 -19.24
N ILE A 97 -5.09 -5.97 -18.10
CA ILE A 97 -3.89 -6.60 -17.59
C ILE A 97 -4.15 -7.79 -16.65
N ARG A 98 -5.31 -8.40 -16.79
CA ARG A 98 -5.65 -9.57 -15.99
C ARG A 98 -4.78 -10.75 -16.37
N HIS A 99 -4.83 -11.81 -15.57
CA HIS A 99 -4.05 -12.98 -15.90
C HIS A 99 -4.79 -13.57 -17.12
N PRO A 100 -4.03 -14.10 -18.09
CA PRO A 100 -4.58 -14.69 -19.31
C PRO A 100 -5.71 -15.67 -19.04
N ASN A 101 -5.65 -16.35 -17.90
CA ASN A 101 -6.64 -17.34 -17.52
C ASN A 101 -8.00 -16.73 -17.16
N CYS A 102 -7.96 -15.49 -16.68
CA CYS A 102 -9.17 -14.80 -16.26
C CYS A 102 -10.24 -14.69 -17.33
N ASN A 103 -9.80 -14.48 -18.57
CA ASN A 103 -10.72 -14.34 -19.69
C ASN A 103 -11.54 -15.61 -19.92
N SER A 104 -10.99 -16.75 -19.49
CA SER A 104 -11.65 -18.04 -19.66
C SER A 104 -12.62 -18.37 -18.53
N LYS A 105 -12.32 -17.88 -17.33
CA LYS A 105 -13.17 -18.13 -16.17
C LYS A 105 -14.63 -17.80 -16.44
N ARG A 106 -15.50 -18.53 -15.76
CA ARG A 106 -16.94 -18.33 -15.87
C ARG A 106 -17.47 -18.40 -14.44
N TYR A 107 -18.62 -17.79 -14.21
CA TYR A 107 -19.17 -17.76 -12.86
C TYR A 107 -20.67 -18.06 -12.84
N LEU A 108 -21.20 -18.29 -11.65
CA LEU A 108 -22.61 -18.61 -11.49
C LEU A 108 -23.53 -17.69 -12.29
N GLU A 109 -24.48 -18.29 -12.99
CA GLU A 109 -25.44 -17.55 -13.78
C GLU A 109 -26.26 -16.67 -12.83
N THR A 110 -26.52 -17.20 -11.65
CA THR A 110 -27.29 -16.47 -10.65
C THR A 110 -26.38 -16.03 -9.51
N LEU A 111 -26.27 -14.73 -9.32
CA LEU A 111 -25.43 -14.18 -8.28
C LEU A 111 -26.21 -13.20 -7.41
N PRO A 112 -25.74 -12.94 -6.18
CA PRO A 112 -26.44 -12.00 -5.31
C PRO A 112 -26.16 -10.57 -5.81
N ASN A 113 -27.16 -9.70 -5.73
CA ASN A 113 -27.03 -8.30 -6.17
C ASN A 113 -26.13 -7.54 -5.17
N THR A 114 -25.63 -6.37 -5.53
CA THR A 114 -24.77 -5.60 -4.62
C THR A 114 -25.03 -4.10 -4.52
N SER A 115 -24.81 -3.56 -3.34
CA SER A 115 -24.97 -2.13 -3.10
C SER A 115 -23.57 -1.54 -3.14
N ILE A 116 -23.28 -0.75 -4.15
CA ILE A 116 -21.96 -0.14 -4.28
C ILE A 116 -21.90 1.19 -3.53
N ILE A 117 -21.13 1.23 -2.45
CA ILE A 117 -21.02 2.43 -1.65
C ILE A 117 -19.74 3.21 -1.90
N ILE A 118 -19.89 4.47 -2.30
CA ILE A 118 -18.76 5.34 -2.57
C ILE A 118 -18.76 6.62 -1.72
N PRO A 119 -17.94 6.63 -0.67
CA PRO A 119 -17.86 7.79 0.21
C PRO A 119 -16.96 8.82 -0.43
N PHE A 120 -17.24 10.09 -0.21
CA PHE A 120 -16.41 11.11 -0.79
C PHE A 120 -16.47 12.39 0.02
N HIS A 121 -15.42 13.19 -0.13
CA HIS A 121 -15.31 14.45 0.59
C HIS A 121 -14.53 15.39 -0.29
N ASN A 122 -15.18 16.47 -0.75
CA ASN A 122 -14.51 17.45 -1.58
C ASN A 122 -13.70 16.78 -2.69
N GLU A 123 -14.28 15.75 -3.28
CA GLU A 123 -13.61 15.02 -4.35
C GLU A 123 -13.80 15.79 -5.66
N GLY A 124 -12.84 15.68 -6.57
CA GLY A 124 -12.95 16.38 -7.84
C GLY A 124 -14.14 15.94 -8.68
N TRP A 125 -14.62 16.84 -9.54
CA TRP A 125 -15.77 16.52 -10.40
C TRP A 125 -15.55 15.40 -11.41
N SER A 126 -14.52 15.52 -12.25
CA SER A 126 -14.29 14.50 -13.26
C SER A 126 -13.87 13.17 -12.66
N SER A 127 -12.93 13.19 -11.72
CA SER A 127 -12.49 11.95 -11.11
C SER A 127 -13.68 11.21 -10.46
N LEU A 128 -14.60 11.94 -9.84
CA LEU A 128 -15.75 11.28 -9.22
C LEU A 128 -16.67 10.73 -10.32
N LEU A 129 -16.97 11.54 -11.33
CA LEU A 129 -17.83 11.07 -12.39
C LEU A 129 -17.21 9.89 -13.15
N ARG A 130 -15.88 9.84 -13.25
CA ARG A 130 -15.28 8.73 -13.98
C ARG A 130 -15.45 7.46 -13.15
N THR A 131 -15.41 7.57 -11.84
CA THR A 131 -15.59 6.39 -11.02
C THR A 131 -17.00 5.81 -11.28
N VAL A 132 -18.01 6.66 -11.14
CA VAL A 132 -19.38 6.21 -11.32
C VAL A 132 -19.61 5.67 -12.74
N HIS A 133 -19.05 6.32 -13.74
CA HIS A 133 -19.26 5.83 -15.10
C HIS A 133 -18.68 4.43 -15.25
N SER A 134 -17.46 4.23 -14.76
CA SER A 134 -16.82 2.94 -14.86
C SER A 134 -17.68 1.87 -14.24
N VAL A 135 -18.34 2.22 -13.14
CA VAL A 135 -19.21 1.26 -12.47
C VAL A 135 -20.45 1.02 -13.31
N LEU A 136 -21.00 2.08 -13.87
CA LEU A 136 -22.20 1.96 -14.68
C LEU A 136 -21.96 1.19 -15.98
N ASN A 137 -20.85 1.47 -16.64
CA ASN A 137 -20.53 0.84 -17.91
C ASN A 137 -19.83 -0.51 -17.84
N ARG A 138 -19.31 -0.88 -16.68
CA ARG A 138 -18.60 -2.13 -16.59
C ARG A 138 -19.15 -3.09 -15.54
N SER A 139 -20.33 -2.77 -15.04
CA SER A 139 -21.00 -3.62 -14.07
C SER A 139 -22.35 -4.05 -14.63
N PRO A 140 -22.63 -5.36 -14.62
CA PRO A 140 -23.91 -5.86 -15.13
C PRO A 140 -25.03 -5.22 -14.30
N PRO A 141 -25.86 -4.37 -14.92
CA PRO A 141 -26.95 -3.71 -14.20
C PRO A 141 -27.75 -4.61 -13.28
N GLU A 142 -28.10 -5.80 -13.76
CA GLU A 142 -28.86 -6.75 -12.97
C GLU A 142 -28.18 -7.07 -11.63
N LEU A 143 -26.85 -7.09 -11.62
CA LEU A 143 -26.09 -7.40 -10.41
C LEU A 143 -25.93 -6.19 -9.49
N VAL A 144 -26.22 -5.00 -9.99
CA VAL A 144 -26.09 -3.79 -9.19
C VAL A 144 -27.44 -3.34 -8.69
N ALA A 145 -27.66 -3.50 -7.39
CA ALA A 145 -28.93 -3.09 -6.80
C ALA A 145 -28.99 -1.57 -6.72
N GLU A 146 -27.87 -0.93 -6.42
CA GLU A 146 -27.84 0.52 -6.30
C GLU A 146 -26.43 1.04 -6.08
N ILE A 147 -26.17 2.25 -6.55
CA ILE A 147 -24.88 2.91 -6.37
C ILE A 147 -25.16 4.09 -5.43
N VAL A 148 -24.54 4.06 -4.25
CA VAL A 148 -24.77 5.12 -3.28
C VAL A 148 -23.52 5.96 -3.01
N LEU A 149 -23.61 7.23 -3.41
CA LEU A 149 -22.53 8.16 -3.22
C LEU A 149 -22.84 8.79 -1.89
N VAL A 150 -21.89 8.72 -0.97
CA VAL A 150 -22.11 9.27 0.34
C VAL A 150 -21.19 10.46 0.52
N ASP A 151 -21.80 11.64 0.57
CA ASP A 151 -21.13 12.91 0.73
C ASP A 151 -20.75 13.17 2.19
N ASP A 152 -19.47 13.23 2.48
CA ASP A 152 -19.04 13.50 3.84
C ASP A 152 -18.84 15.00 4.07
N PHE A 153 -19.95 15.70 4.22
CA PHE A 153 -19.96 17.13 4.48
C PHE A 153 -19.08 17.96 3.56
N SER A 154 -19.21 17.70 2.26
CA SER A 154 -18.43 18.42 1.26
C SER A 154 -18.79 19.90 1.18
N ASP A 155 -17.77 20.74 0.99
CA ASP A 155 -18.00 22.17 0.88
C ASP A 155 -17.80 22.66 -0.56
N ARG A 156 -17.30 21.80 -1.44
CA ARG A 156 -17.09 22.17 -2.83
C ARG A 156 -18.46 22.30 -3.49
N GLU A 157 -18.69 23.40 -4.18
CA GLU A 157 -19.96 23.64 -4.83
C GLU A 157 -20.37 22.66 -5.93
N HIS A 158 -19.43 22.16 -6.73
CA HIS A 158 -19.81 21.24 -7.79
C HIS A 158 -20.40 19.95 -7.24
N LEU A 159 -20.20 19.73 -5.95
CA LEU A 159 -20.71 18.54 -5.29
C LEU A 159 -22.12 18.72 -4.75
N LYS A 160 -22.74 19.84 -5.05
CA LYS A 160 -24.09 20.09 -4.55
C LYS A 160 -25.14 19.97 -5.67
N LYS A 161 -25.75 21.07 -6.04
CA LYS A 161 -26.77 21.03 -7.08
C LYS A 161 -26.26 20.35 -8.36
N PRO A 162 -25.12 20.83 -8.90
CA PRO A 162 -24.63 20.20 -10.13
C PRO A 162 -24.59 18.67 -10.04
N LEU A 163 -23.93 18.14 -9.02
CA LEU A 163 -23.85 16.70 -8.85
C LEU A 163 -25.25 16.07 -8.82
N GLU A 164 -26.15 16.69 -8.06
CA GLU A 164 -27.52 16.19 -7.97
C GLU A 164 -28.23 16.14 -9.33
N ASP A 165 -28.18 17.23 -10.08
CA ASP A 165 -28.84 17.23 -11.38
C ASP A 165 -28.23 16.19 -12.30
N TYR A 166 -26.90 16.09 -12.26
CA TYR A 166 -26.21 15.12 -13.09
C TYR A 166 -26.54 13.67 -12.72
N MET A 167 -26.53 13.36 -11.42
CA MET A 167 -26.82 12.00 -11.01
C MET A 167 -28.30 11.63 -11.13
N ALA A 168 -29.16 12.64 -11.16
CA ALA A 168 -30.59 12.37 -11.29
C ALA A 168 -30.89 11.71 -12.62
N LEU A 169 -29.97 11.83 -13.58
CA LEU A 169 -30.14 11.26 -14.90
C LEU A 169 -29.77 9.77 -14.96
N PHE A 170 -29.28 9.24 -13.83
CA PHE A 170 -28.89 7.84 -13.74
C PHE A 170 -29.66 7.31 -12.55
N PRO A 171 -30.77 6.60 -12.83
CA PRO A 171 -31.68 6.00 -11.86
C PRO A 171 -31.02 5.17 -10.75
N SER A 172 -30.06 4.34 -11.12
CA SER A 172 -29.39 3.49 -10.12
C SER A 172 -28.50 4.26 -9.17
N VAL A 173 -28.21 5.52 -9.47
CA VAL A 173 -27.34 6.31 -8.62
C VAL A 173 -28.16 7.11 -7.63
N ARG A 174 -27.65 7.21 -6.41
CA ARG A 174 -28.34 7.92 -5.35
C ARG A 174 -27.32 8.64 -4.48
N ILE A 175 -27.64 9.86 -4.04
CA ILE A 175 -26.73 10.63 -3.21
C ILE A 175 -27.26 10.76 -1.80
N LEU A 176 -26.41 10.45 -0.83
CA LEU A 176 -26.76 10.50 0.58
C LEU A 176 -25.78 11.44 1.26
N ARG A 177 -26.27 12.36 2.07
CA ARG A 177 -25.36 13.30 2.72
C ARG A 177 -25.39 13.25 4.24
N THR A 178 -24.22 13.43 4.84
CA THR A 178 -24.09 13.45 6.28
C THR A 178 -24.42 14.87 6.73
N LYS A 179 -24.82 15.04 7.99
CA LYS A 179 -25.15 16.37 8.51
C LYS A 179 -23.91 17.17 8.92
N LYS A 180 -22.79 16.49 9.18
CA LYS A 180 -21.54 17.14 9.56
C LYS A 180 -20.36 16.27 9.11
N ARG A 181 -19.13 16.71 9.35
CA ARG A 181 -17.97 15.91 8.95
C ARG A 181 -17.94 14.64 9.79
N GLU A 182 -18.06 13.49 9.14
CA GLU A 182 -18.08 12.22 9.85
C GLU A 182 -16.82 11.39 9.68
N GLY A 183 -16.12 11.55 8.55
CA GLY A 183 -14.91 10.78 8.31
C GLY A 183 -15.23 9.58 7.43
N LEU A 184 -14.22 9.08 6.73
CA LEU A 184 -14.44 7.96 5.82
C LEU A 184 -15.02 6.73 6.51
N ILE A 185 -14.54 6.40 7.70
CA ILE A 185 -15.06 5.23 8.41
C ILE A 185 -16.56 5.31 8.63
N ARG A 186 -16.99 6.32 9.37
CA ARG A 186 -18.41 6.51 9.66
C ARG A 186 -19.19 6.81 8.39
N THR A 187 -18.56 7.49 7.45
CA THR A 187 -19.25 7.80 6.21
C THR A 187 -19.51 6.49 5.46
N ARG A 188 -18.61 5.52 5.56
CA ARG A 188 -18.86 4.25 4.89
C ARG A 188 -19.95 3.50 5.64
N MET A 189 -20.01 3.72 6.94
CA MET A 189 -21.04 3.09 7.78
C MET A 189 -22.41 3.62 7.39
N LEU A 190 -22.50 4.93 7.18
CA LEU A 190 -23.77 5.50 6.79
C LEU A 190 -24.25 4.76 5.57
N GLY A 191 -23.40 4.68 4.55
CA GLY A 191 -23.80 3.99 3.33
C GLY A 191 -24.20 2.54 3.57
N ALA A 192 -23.48 1.86 4.45
CA ALA A 192 -23.78 0.46 4.75
C ALA A 192 -25.12 0.30 5.47
N SER A 193 -25.47 1.28 6.31
CA SER A 193 -26.71 1.23 7.07
C SER A 193 -27.97 1.40 6.27
N VAL A 194 -27.82 1.75 4.99
CA VAL A 194 -28.98 1.96 4.14
C VAL A 194 -28.99 1.00 2.95
N ALA A 195 -27.86 0.35 2.70
CA ALA A 195 -27.75 -0.59 1.59
C ALA A 195 -28.85 -1.64 1.60
N THR A 196 -29.38 -1.96 0.41
CA THR A 196 -30.45 -2.94 0.27
C THR A 196 -29.98 -4.21 -0.45
N GLY A 197 -28.78 -4.15 -1.01
CA GLY A 197 -28.26 -5.30 -1.73
C GLY A 197 -27.77 -6.43 -0.86
N ASP A 198 -27.59 -7.61 -1.46
CA ASP A 198 -27.13 -8.76 -0.72
C ASP A 198 -25.72 -8.55 -0.16
N VAL A 199 -24.82 -8.03 -1.00
CA VAL A 199 -23.46 -7.76 -0.57
C VAL A 199 -23.11 -6.28 -0.74
N ILE A 200 -22.34 -5.76 0.21
CA ILE A 200 -21.89 -4.38 0.16
C ILE A 200 -20.51 -4.30 -0.49
N THR A 201 -20.41 -3.53 -1.57
CA THR A 201 -19.11 -3.36 -2.22
C THR A 201 -18.65 -1.94 -1.98
N PHE A 202 -17.47 -1.76 -1.37
CA PHE A 202 -16.95 -0.42 -1.14
C PHE A 202 -15.92 -0.01 -2.19
N LEU A 203 -15.88 1.28 -2.52
CA LEU A 203 -14.95 1.80 -3.53
C LEU A 203 -14.60 3.25 -3.22
N ASP A 204 -13.34 3.64 -3.37
CA ASP A 204 -12.98 5.02 -3.13
C ASP A 204 -13.54 5.86 -4.29
N SER A 205 -13.66 7.16 -4.08
CA SER A 205 -14.26 8.01 -5.10
C SER A 205 -13.40 8.36 -6.29
N HIS A 206 -12.21 7.77 -6.37
CA HIS A 206 -11.30 8.02 -7.49
C HIS A 206 -10.78 6.68 -7.99
N CYS A 207 -11.69 5.88 -8.52
CA CYS A 207 -11.36 4.57 -9.03
C CYS A 207 -11.87 4.39 -10.45
N GLU A 208 -11.54 3.25 -11.04
CA GLU A 208 -11.97 2.92 -12.40
C GLU A 208 -12.01 1.39 -12.52
N ALA A 209 -13.22 0.84 -12.45
CA ALA A 209 -13.41 -0.61 -12.53
C ALA A 209 -12.92 -1.14 -13.87
N ASN A 210 -12.17 -2.24 -13.87
CA ASN A 210 -11.71 -2.75 -15.14
C ASN A 210 -12.72 -3.76 -15.68
N VAL A 211 -12.39 -4.36 -16.82
CA VAL A 211 -13.29 -5.32 -17.47
C VAL A 211 -13.72 -6.52 -16.64
N ASN A 212 -15.03 -6.74 -16.60
CA ASN A 212 -15.60 -7.87 -15.88
C ASN A 212 -14.96 -8.03 -14.50
N TRP A 213 -15.11 -7.01 -13.67
CA TRP A 213 -14.55 -6.99 -12.32
C TRP A 213 -15.49 -7.45 -11.20
N LEU A 214 -16.78 -7.18 -11.36
CA LEU A 214 -17.76 -7.52 -10.33
C LEU A 214 -18.15 -8.99 -10.14
N PRO A 215 -18.51 -9.68 -11.23
CA PRO A 215 -18.91 -11.10 -11.12
C PRO A 215 -17.97 -11.99 -10.30
N PRO A 216 -16.65 -11.91 -10.54
CA PRO A 216 -15.75 -12.76 -9.75
C PRO A 216 -15.70 -12.44 -8.25
N LEU A 217 -16.18 -11.28 -7.85
CA LEU A 217 -16.19 -10.93 -6.44
C LEU A 217 -17.44 -11.53 -5.82
N LEU A 218 -18.56 -11.34 -6.51
CA LEU A 218 -19.86 -11.83 -6.06
C LEU A 218 -19.90 -13.37 -6.03
N ASP A 219 -19.28 -13.99 -7.03
CA ASP A 219 -19.24 -15.45 -7.10
C ASP A 219 -18.58 -16.01 -5.85
N ARG A 220 -17.42 -15.45 -5.49
CA ARG A 220 -16.69 -15.91 -4.33
C ARG A 220 -17.55 -15.85 -3.06
N ILE A 221 -18.18 -14.71 -2.81
CA ILE A 221 -19.02 -14.56 -1.62
C ILE A 221 -20.24 -15.46 -1.69
N ALA A 222 -20.68 -15.76 -2.91
CA ALA A 222 -21.85 -16.63 -3.09
C ALA A 222 -21.53 -18.04 -2.60
N ARG A 223 -20.28 -18.47 -2.80
CA ARG A 223 -19.84 -19.79 -2.37
C ARG A 223 -19.52 -19.78 -0.87
N ASN A 224 -18.95 -18.68 -0.38
CA ASN A 224 -18.60 -18.55 1.04
C ASN A 224 -19.07 -17.20 1.58
N ARG A 225 -20.25 -17.19 2.16
CA ARG A 225 -20.82 -15.97 2.69
C ARG A 225 -19.94 -15.23 3.68
N LYS A 226 -19.12 -15.94 4.45
CA LYS A 226 -18.30 -15.25 5.44
C LYS A 226 -16.94 -14.74 4.95
N THR A 227 -16.68 -14.86 3.65
CA THR A 227 -15.42 -14.40 3.05
C THR A 227 -15.50 -12.96 2.54
N ILE A 228 -14.54 -12.12 2.93
CA ILE A 228 -14.53 -10.76 2.39
C ILE A 228 -13.58 -10.81 1.18
N VAL A 229 -13.99 -10.23 0.04
CA VAL A 229 -13.12 -10.27 -1.13
C VAL A 229 -12.61 -8.90 -1.62
N CYS A 230 -11.37 -8.89 -2.08
CA CYS A 230 -10.76 -7.66 -2.56
C CYS A 230 -10.20 -7.81 -3.98
N PRO A 231 -10.50 -6.85 -4.86
CA PRO A 231 -9.97 -6.95 -6.21
C PRO A 231 -8.50 -6.51 -6.14
N MET A 232 -7.77 -6.72 -7.23
CA MET A 232 -6.40 -6.27 -7.26
C MET A 232 -6.58 -4.77 -7.43
N ILE A 233 -5.83 -3.99 -6.66
CA ILE A 233 -5.94 -2.55 -6.76
C ILE A 233 -4.79 -2.03 -7.64
N ASP A 234 -5.14 -1.52 -8.81
CA ASP A 234 -4.15 -1.02 -9.74
C ASP A 234 -3.97 0.49 -9.55
N VAL A 235 -2.85 1.01 -10.02
CA VAL A 235 -2.51 2.42 -9.86
C VAL A 235 -2.92 3.29 -11.04
N ILE A 236 -3.46 4.47 -10.74
CA ILE A 236 -3.81 5.45 -11.77
C ILE A 236 -2.89 6.58 -11.36
N ASP A 237 -1.85 6.82 -12.15
CA ASP A 237 -0.86 7.86 -11.83
C ASP A 237 -1.43 9.26 -11.55
N HIS A 238 -1.07 9.83 -10.40
CA HIS A 238 -1.57 11.14 -10.05
C HIS A 238 -1.08 12.26 -10.96
N ASP A 239 -0.18 11.94 -11.88
CA ASP A 239 0.31 12.94 -12.83
C ASP A 239 -0.25 12.77 -14.24
N ASP A 240 0.07 11.66 -14.91
CA ASP A 240 -0.42 11.49 -16.27
C ASP A 240 -1.58 10.50 -16.39
N PHE A 241 -2.10 10.08 -15.24
CA PHE A 241 -3.23 9.14 -15.19
C PHE A 241 -3.08 7.78 -15.88
N ARG A 242 -1.85 7.34 -16.10
CA ARG A 242 -1.69 6.05 -16.74
C ARG A 242 -2.18 4.97 -15.77
N TYR A 243 -2.64 3.88 -16.35
CA TYR A 243 -3.16 2.77 -15.59
C TYR A 243 -2.17 1.62 -15.61
N GLU A 244 -1.83 1.14 -14.43
CA GLU A 244 -0.90 0.03 -14.32
C GLU A 244 -0.94 -0.60 -12.93
N THR A 245 -0.56 -1.86 -12.92
CA THR A 245 -0.53 -2.65 -11.71
C THR A 245 0.51 -2.12 -10.75
N GLN A 246 0.27 -2.33 -9.46
CA GLN A 246 1.25 -1.93 -8.47
C GLN A 246 2.41 -2.90 -8.67
N ALA A 247 3.59 -2.51 -8.21
CA ALA A 247 4.78 -3.36 -8.33
C ALA A 247 4.52 -4.68 -7.62
N GLY A 248 5.04 -5.76 -8.19
CA GLY A 248 4.89 -7.07 -7.60
C GLY A 248 3.54 -7.72 -7.84
N ASP A 249 2.62 -6.99 -8.45
CA ASP A 249 1.28 -7.48 -8.72
C ASP A 249 0.62 -8.24 -7.56
N ALA A 250 0.18 -9.47 -7.79
CA ALA A 250 -0.48 -10.23 -6.72
C ALA A 250 0.45 -10.39 -5.52
N MET A 251 0.06 -9.80 -4.39
CA MET A 251 0.86 -9.85 -3.17
C MET A 251 -0.01 -9.91 -1.92
N ARG A 252 0.56 -10.34 -0.80
CA ARG A 252 -0.19 -10.42 0.43
C ARG A 252 -0.09 -9.12 1.23
N GLY A 253 -1.20 -8.73 1.85
CA GLY A 253 -1.19 -7.52 2.64
C GLY A 253 -0.54 -7.82 3.97
N ALA A 254 0.09 -6.81 4.57
CA ALA A 254 0.76 -6.96 5.85
C ALA A 254 1.02 -5.57 6.39
N PHE A 255 1.84 -5.47 7.44
CA PHE A 255 2.16 -4.16 8.02
C PHE A 255 3.46 -4.20 8.82
N ASP A 256 4.05 -3.04 9.04
CA ASP A 256 5.27 -2.97 9.84
C ASP A 256 4.78 -2.68 11.25
N TRP A 257 5.65 -2.71 12.25
CA TRP A 257 5.15 -2.50 13.59
C TRP A 257 4.74 -1.09 14.00
N GLU A 258 4.70 -0.17 13.03
CA GLU A 258 4.23 1.19 13.29
C GLU A 258 2.85 1.26 12.62
N MET A 259 2.41 0.11 12.12
CA MET A 259 1.12 -0.07 11.46
C MET A 259 0.97 0.53 10.07
N TYR A 260 2.08 0.70 9.37
CA TYR A 260 2.03 1.21 8.02
C TYR A 260 1.75 0.01 7.14
N TYR A 261 0.77 0.13 6.27
CA TYR A 261 0.40 -0.95 5.38
C TYR A 261 1.56 -1.34 4.47
N LYS A 262 1.81 -2.65 4.40
CA LYS A 262 2.87 -3.18 3.59
C LYS A 262 2.35 -4.32 2.76
N ARG A 263 3.06 -4.64 1.68
CA ARG A 263 2.68 -5.74 0.81
C ARG A 263 3.88 -6.65 0.69
N ILE A 264 3.70 -7.92 1.04
CA ILE A 264 4.78 -8.88 0.95
C ILE A 264 4.43 -9.99 -0.02
N PRO A 265 5.45 -10.57 -0.66
CA PRO A 265 5.28 -11.64 -1.64
C PRO A 265 4.63 -12.88 -1.10
N ILE A 266 3.87 -13.54 -1.96
CA ILE A 266 3.18 -14.76 -1.62
C ILE A 266 4.23 -15.88 -1.45
N PRO A 267 4.31 -16.48 -0.25
CA PRO A 267 5.28 -17.57 -0.05
C PRO A 267 5.00 -18.68 -1.07
N PRO A 268 6.06 -19.32 -1.58
CA PRO A 268 5.90 -20.40 -2.56
C PRO A 268 4.91 -21.49 -2.14
N GLU A 269 4.92 -21.85 -0.86
CA GLU A 269 4.04 -22.89 -0.36
C GLU A 269 2.56 -22.49 -0.39
N LEU A 270 2.28 -21.20 -0.63
CA LEU A 270 0.90 -20.71 -0.68
C LEU A 270 0.46 -20.35 -2.09
N GLN A 271 1.42 -20.21 -3.00
CA GLN A 271 1.12 -19.87 -4.39
C GLN A 271 0.25 -20.93 -5.04
N LYS A 272 -0.92 -20.52 -5.54
CA LYS A 272 -1.88 -21.44 -6.19
C LYS A 272 -1.41 -21.96 -7.56
N ALA A 273 -1.78 -23.19 -7.87
CA ALA A 273 -1.45 -23.84 -9.15
C ALA A 273 -1.78 -22.88 -10.29
N ASP A 274 -3.04 -22.44 -10.33
CA ASP A 274 -3.52 -21.48 -11.31
C ASP A 274 -3.28 -20.12 -10.66
N PRO A 275 -2.25 -19.39 -11.10
CA PRO A 275 -1.96 -18.07 -10.52
C PRO A 275 -3.09 -17.03 -10.62
N SER A 276 -4.20 -17.39 -11.26
CA SER A 276 -5.34 -16.48 -11.42
C SER A 276 -6.41 -16.78 -10.38
N ASP A 277 -6.14 -17.76 -9.55
CA ASP A 277 -7.09 -18.15 -8.52
C ASP A 277 -7.06 -17.29 -7.28
N PRO A 278 -8.22 -17.20 -6.59
CA PRO A 278 -8.37 -16.43 -5.35
C PRO A 278 -7.28 -16.86 -4.37
N PHE A 279 -6.67 -15.91 -3.70
CA PHE A 279 -5.64 -16.25 -2.73
C PHE A 279 -5.85 -15.44 -1.48
N GLU A 280 -5.44 -16.03 -0.36
CA GLU A 280 -5.60 -15.40 0.93
C GLU A 280 -4.70 -14.22 1.20
N SER A 281 -5.25 -13.26 1.92
CA SER A 281 -4.53 -12.06 2.30
C SER A 281 -4.84 -11.79 3.76
N PRO A 282 -3.81 -11.54 4.56
CA PRO A 282 -4.05 -11.26 5.99
C PRO A 282 -4.70 -9.91 6.25
N VAL A 283 -4.36 -8.93 5.41
CA VAL A 283 -4.87 -7.58 5.57
C VAL A 283 -5.26 -6.96 4.22
N MET A 284 -6.34 -6.19 4.20
CA MET A 284 -6.75 -5.54 2.97
C MET A 284 -6.20 -4.11 2.97
N ALA A 285 -6.10 -3.51 1.78
CA ALA A 285 -5.62 -2.15 1.65
C ALA A 285 -6.63 -1.29 2.41
N GLY A 286 -7.91 -1.64 2.28
CA GLY A 286 -8.94 -0.91 3.00
C GLY A 286 -10.08 -0.27 2.21
N GLY A 287 -9.77 0.34 1.07
CA GLY A 287 -10.80 1.01 0.30
C GLY A 287 -11.64 0.23 -0.71
N LEU A 288 -11.19 -0.92 -1.16
CA LEU A 288 -11.95 -1.69 -2.15
C LEU A 288 -12.17 -3.12 -1.67
N PHE A 289 -13.42 -3.48 -1.45
CA PHE A 289 -13.76 -4.82 -1.03
C PHE A 289 -15.26 -5.03 -1.03
N ALA A 290 -15.66 -6.28 -1.07
CA ALA A 290 -17.07 -6.63 -1.08
C ALA A 290 -17.26 -7.57 0.11
N VAL A 291 -18.40 -7.48 0.77
CA VAL A 291 -18.68 -8.32 1.93
C VAL A 291 -20.17 -8.47 2.07
N ASP A 292 -20.61 -9.71 2.30
CA ASP A 292 -22.02 -9.96 2.49
C ASP A 292 -22.54 -8.94 3.52
N ARG A 293 -23.67 -8.29 3.22
CA ARG A 293 -24.22 -7.27 4.11
C ARG A 293 -24.47 -7.78 5.53
N LYS A 294 -25.19 -8.89 5.65
CA LYS A 294 -25.49 -9.46 6.96
C LYS A 294 -24.20 -9.78 7.71
N TRP A 295 -23.26 -10.42 7.02
CA TRP A 295 -21.97 -10.77 7.61
C TRP A 295 -21.28 -9.51 8.11
N PHE A 296 -21.38 -8.44 7.32
CA PHE A 296 -20.76 -7.17 7.67
C PHE A 296 -21.24 -6.67 9.02
N TRP A 297 -22.54 -6.66 9.24
CA TRP A 297 -23.03 -6.17 10.52
C TRP A 297 -22.82 -7.15 11.66
N GLU A 298 -22.87 -8.45 11.39
CA GLU A 298 -22.62 -9.41 12.46
C GLU A 298 -21.30 -9.08 13.13
N LEU A 299 -20.32 -8.65 12.34
CA LEU A 299 -18.99 -8.31 12.86
C LEU A 299 -19.02 -6.93 13.51
N GLY A 300 -20.12 -6.21 13.30
CA GLY A 300 -20.27 -4.89 13.87
C GLY A 300 -19.75 -3.76 13.00
N GLY A 301 -19.63 -4.03 11.69
CA GLY A 301 -19.13 -3.03 10.77
C GLY A 301 -17.80 -2.50 11.25
N TYR A 302 -17.69 -1.18 11.35
CA TYR A 302 -16.46 -0.58 11.82
C TYR A 302 -16.68 0.04 13.19
N ASP A 303 -15.57 0.25 13.90
CA ASP A 303 -15.58 0.89 15.21
C ASP A 303 -15.95 2.34 14.91
N PRO A 304 -17.13 2.79 15.35
CA PRO A 304 -17.58 4.17 15.12
C PRO A 304 -16.65 5.22 15.71
N GLY A 305 -15.75 4.79 16.59
CA GLY A 305 -14.80 5.70 17.21
C GLY A 305 -13.63 6.09 16.33
N LEU A 306 -13.43 5.37 15.22
CA LEU A 306 -12.34 5.68 14.31
C LEU A 306 -12.69 7.02 13.63
N GLU A 307 -11.74 7.95 13.64
CA GLU A 307 -11.99 9.28 13.09
C GLU A 307 -12.09 9.54 11.59
N ILE A 308 -11.13 10.29 11.06
CA ILE A 308 -11.17 10.67 9.65
C ILE A 308 -10.57 9.66 8.68
N TRP A 309 -9.41 9.13 9.04
CA TRP A 309 -8.72 8.21 8.17
C TRP A 309 -7.81 7.29 8.99
N GLY A 310 -7.56 6.08 8.47
CA GLY A 310 -6.68 5.14 9.14
C GLY A 310 -7.23 4.13 10.13
N GLY A 311 -6.69 2.92 10.10
CA GLY A 311 -7.10 1.90 11.05
C GLY A 311 -8.28 0.98 10.77
N GLU A 312 -9.31 1.42 10.08
CA GLU A 312 -10.41 0.50 9.84
C GLU A 312 -9.99 -0.74 9.05
N GLN A 313 -8.99 -0.59 8.17
CA GLN A 313 -8.56 -1.72 7.38
C GLN A 313 -8.00 -2.80 8.31
N TYR A 314 -7.31 -2.36 9.36
CA TYR A 314 -6.76 -3.31 10.31
C TYR A 314 -7.86 -3.91 11.18
N GLU A 315 -8.78 -3.07 11.67
CA GLU A 315 -9.86 -3.60 12.50
C GLU A 315 -10.67 -4.66 11.77
N ILE A 316 -11.17 -4.32 10.59
CA ILE A 316 -11.98 -5.27 9.85
C ILE A 316 -11.18 -6.50 9.43
N SER A 317 -9.93 -6.34 9.00
CA SER A 317 -9.12 -7.50 8.58
C SER A 317 -8.92 -8.47 9.74
N PHE A 318 -8.59 -7.95 10.92
CA PHE A 318 -8.38 -8.79 12.08
C PHE A 318 -9.68 -9.47 12.45
N LYS A 319 -10.79 -8.75 12.33
CA LYS A 319 -12.12 -9.28 12.62
C LYS A 319 -12.54 -10.48 11.77
N VAL A 320 -12.41 -10.37 10.45
CA VAL A 320 -12.84 -11.45 9.56
C VAL A 320 -12.13 -12.76 9.82
N TRP A 321 -10.82 -12.67 10.04
CA TRP A 321 -10.05 -13.87 10.25
C TRP A 321 -10.28 -14.45 11.64
N MET A 322 -10.08 -13.61 12.65
CA MET A 322 -10.23 -14.03 14.03
C MET A 322 -11.62 -14.45 14.46
N CYS A 323 -12.66 -13.98 13.76
CA CYS A 323 -14.01 -14.37 14.17
C CYS A 323 -14.80 -15.25 13.19
N GLY A 324 -14.12 -16.21 12.57
CA GLY A 324 -14.82 -17.13 11.68
C GLY A 324 -14.90 -16.93 10.19
N GLY A 325 -14.50 -15.77 9.70
CA GLY A 325 -14.56 -15.52 8.27
C GLY A 325 -13.18 -15.67 7.64
N ARG A 326 -13.02 -15.17 6.42
CA ARG A 326 -11.75 -15.22 5.70
C ARG A 326 -11.64 -13.99 4.80
N MET A 327 -10.46 -13.78 4.22
CA MET A 327 -10.27 -12.66 3.32
C MET A 327 -9.46 -13.08 2.11
N GLU A 328 -9.94 -12.73 0.92
CA GLU A 328 -9.26 -13.10 -0.32
C GLU A 328 -9.14 -12.02 -1.39
N ASP A 329 -8.01 -12.04 -2.09
CA ASP A 329 -7.75 -11.15 -3.19
C ASP A 329 -8.13 -11.92 -4.46
N ILE A 330 -8.88 -11.29 -5.34
CA ILE A 330 -9.33 -11.94 -6.57
C ILE A 330 -8.57 -11.38 -7.76
N PRO A 331 -7.53 -12.10 -8.22
CA PRO A 331 -6.73 -11.66 -9.36
C PRO A 331 -7.53 -11.26 -10.59
N CYS A 332 -8.66 -11.92 -10.81
CA CYS A 332 -9.49 -11.63 -11.99
C CYS A 332 -10.34 -10.39 -11.89
N SER A 333 -10.37 -9.77 -10.72
CA SER A 333 -11.14 -8.56 -10.52
C SER A 333 -10.12 -7.45 -10.29
N ARG A 334 -10.13 -6.42 -11.12
CA ARG A 334 -9.16 -5.34 -10.96
C ARG A 334 -9.83 -3.96 -11.05
N VAL A 335 -9.42 -3.08 -10.16
CA VAL A 335 -9.95 -1.72 -10.14
C VAL A 335 -8.78 -0.77 -10.01
N GLY A 336 -8.77 0.26 -10.84
CA GLY A 336 -7.70 1.24 -10.75
C GLY A 336 -8.02 2.18 -9.59
N HIS A 337 -6.98 2.71 -8.95
CA HIS A 337 -7.14 3.64 -7.85
C HIS A 337 -6.08 4.72 -7.97
N ILE A 338 -6.47 5.96 -7.69
CA ILE A 338 -5.52 7.07 -7.77
C ILE A 338 -4.92 7.30 -6.39
N TYR A 339 -3.64 7.01 -6.22
CA TYR A 339 -2.98 7.26 -4.94
C TYR A 339 -2.56 8.74 -4.89
N ARG A 340 -2.98 9.43 -3.84
CA ARG A 340 -2.70 10.84 -3.73
C ARG A 340 -1.23 11.18 -3.59
N LYS A 341 -0.81 12.30 -4.19
CA LYS A 341 0.57 12.73 -4.05
C LYS A 341 0.67 13.34 -2.63
N TYR A 342 -0.46 13.87 -2.15
CA TYR A 342 -0.57 14.42 -0.80
C TYR A 342 -2.04 14.60 -0.42
N VAL A 343 -2.30 14.75 0.87
CA VAL A 343 -3.66 14.90 1.37
C VAL A 343 -4.15 16.34 1.21
N PRO A 344 -5.22 16.55 0.43
CA PRO A 344 -5.75 17.90 0.22
C PRO A 344 -6.71 18.38 1.30
N TYR A 345 -7.70 17.57 1.65
CA TYR A 345 -8.66 18.00 2.66
C TYR A 345 -8.06 18.31 4.01
N LYS A 346 -8.87 18.90 4.88
CA LYS A 346 -8.42 19.26 6.21
C LYS A 346 -9.02 18.33 7.25
N VAL A 347 -8.29 18.13 8.35
CA VAL A 347 -8.74 17.29 9.44
C VAL A 347 -8.93 18.12 10.70
N PRO A 348 -10.10 18.00 11.32
CA PRO A 348 -10.44 18.73 12.53
C PRO A 348 -9.32 18.67 13.57
N ALA A 349 -9.35 19.61 14.52
CA ALA A 349 -8.34 19.67 15.56
C ALA A 349 -8.51 18.49 16.52
N GLY A 350 -7.39 18.02 17.07
CA GLY A 350 -7.44 16.91 18.01
C GLY A 350 -7.82 15.59 17.34
N VAL A 351 -7.10 15.25 16.27
CA VAL A 351 -7.35 14.02 15.54
C VAL A 351 -6.04 13.51 14.97
N SER A 352 -5.68 12.28 15.31
CA SER A 352 -4.45 11.69 14.79
C SER A 352 -4.65 10.19 14.51
N LEU A 353 -3.80 9.67 13.63
CA LEU A 353 -3.86 8.26 13.27
C LEU A 353 -3.61 7.42 14.52
N ALA A 354 -2.78 7.96 15.41
CA ALA A 354 -2.45 7.28 16.65
C ALA A 354 -3.69 6.80 17.39
N ARG A 355 -4.62 7.71 17.69
CA ARG A 355 -5.82 7.32 18.41
C ARG A 355 -6.56 6.17 17.72
N ASN A 356 -6.73 6.24 16.40
CA ASN A 356 -7.44 5.16 15.71
C ASN A 356 -6.67 3.86 15.95
N LEU A 357 -5.38 3.87 15.64
CA LEU A 357 -4.57 2.69 15.82
C LEU A 357 -4.65 2.15 17.25
N LYS A 358 -4.56 3.03 18.23
CA LYS A 358 -4.64 2.61 19.63
C LYS A 358 -5.93 1.84 19.90
N ARG A 359 -7.04 2.33 19.37
CA ARG A 359 -8.32 1.67 19.55
C ARG A 359 -8.31 0.30 18.91
N VAL A 360 -7.57 0.16 17.80
CA VAL A 360 -7.52 -1.12 17.14
C VAL A 360 -6.61 -2.08 17.89
N ALA A 361 -5.45 -1.61 18.32
CA ALA A 361 -4.52 -2.48 19.03
C ALA A 361 -5.08 -3.05 20.33
N GLU A 362 -5.60 -2.18 21.19
CA GLU A 362 -6.16 -2.58 22.48
C GLU A 362 -7.29 -3.62 22.41
N VAL A 363 -8.12 -3.52 21.39
CA VAL A 363 -9.24 -4.43 21.25
C VAL A 363 -8.92 -5.75 20.56
N TRP A 364 -7.97 -5.76 19.63
CA TRP A 364 -7.67 -6.99 18.89
C TRP A 364 -6.24 -7.47 18.88
N MET A 365 -5.29 -6.58 19.12
CA MET A 365 -3.90 -7.02 19.04
C MET A 365 -3.27 -7.72 20.24
N ASP A 366 -4.04 -7.92 21.30
CA ASP A 366 -3.54 -8.60 22.51
C ASP A 366 -2.16 -8.14 22.92
N GLU A 367 -1.28 -9.12 23.15
CA GLU A 367 0.07 -8.84 23.57
C GLU A 367 0.89 -8.13 22.51
N TYR A 368 0.53 -8.30 21.24
CA TYR A 368 1.28 -7.66 20.16
C TYR A 368 1.17 -6.15 20.13
N ALA A 369 0.15 -5.63 20.81
CA ALA A 369 -0.04 -4.17 20.84
C ALA A 369 1.22 -3.56 21.42
N GLU A 370 1.83 -4.27 22.37
CA GLU A 370 3.04 -3.81 23.02
C GLU A 370 4.16 -3.52 22.02
N TYR A 371 4.27 -4.37 21.01
CA TYR A 371 5.30 -4.19 19.99
C TYR A 371 5.17 -2.83 19.32
N ILE A 372 3.96 -2.29 19.34
CA ILE A 372 3.67 -0.98 18.74
C ILE A 372 4.16 0.14 19.66
N TYR A 373 3.93 -0.03 20.95
CA TYR A 373 4.32 0.98 21.93
C TYR A 373 5.83 1.06 22.14
N GLN A 374 6.53 -0.05 21.89
CA GLN A 374 7.99 -0.07 22.07
C GLN A 374 8.69 0.74 20.99
N ARG A 375 7.92 1.20 20.01
CA ARG A 375 8.45 2.01 18.92
C ARG A 375 7.88 3.42 19.02
N ARG A 376 6.66 3.51 19.54
CA ARG A 376 5.98 4.79 19.73
C ARG A 376 5.42 4.85 21.14
N PRO A 377 6.27 5.15 22.14
CA PRO A 377 5.97 5.27 23.57
C PRO A 377 4.79 6.17 23.96
N GLU A 378 4.49 7.18 23.15
CA GLU A 378 3.39 8.07 23.46
C GLU A 378 2.06 7.35 23.43
N TYR A 379 2.06 6.17 22.82
CA TYR A 379 0.84 5.37 22.70
C TYR A 379 0.42 4.72 24.02
N ARG A 380 1.33 4.67 24.99
CA ARG A 380 1.02 4.06 26.29
C ARG A 380 0.03 4.92 27.08
N HIS A 381 0.46 6.13 27.44
CA HIS A 381 -0.39 7.04 28.21
C HIS A 381 -1.20 7.96 27.28
N LEU A 382 -1.80 7.36 26.25
CA LEU A 382 -2.62 8.11 25.30
C LEU A 382 -4.02 7.53 25.27
N SER A 383 -5.00 8.31 25.74
CA SER A 383 -6.37 7.85 25.79
C SER A 383 -6.87 7.41 24.43
N ALA A 384 -7.46 6.22 24.40
CA ALA A 384 -8.00 5.66 23.17
C ALA A 384 -9.51 5.75 23.28
N GLY A 385 -9.97 6.61 24.19
CA GLY A 385 -11.39 6.78 24.40
C GLY A 385 -12.00 5.54 25.03
N ASP A 386 -13.32 5.42 24.92
CA ASP A 386 -14.03 4.29 25.48
C ASP A 386 -14.06 3.16 24.46
N VAL A 387 -13.49 2.02 24.84
CA VAL A 387 -13.43 0.85 23.98
C VAL A 387 -14.29 -0.28 24.53
N ALA A 388 -14.85 -0.05 25.71
CA ALA A 388 -15.70 -1.02 26.39
C ALA A 388 -16.73 -1.66 25.46
N VAL A 389 -17.38 -0.82 24.66
CA VAL A 389 -18.39 -1.31 23.73
C VAL A 389 -17.78 -2.27 22.72
N GLN A 390 -16.63 -1.89 22.18
CA GLN A 390 -15.94 -2.71 21.20
C GLN A 390 -15.45 -4.04 21.78
N LYS A 391 -14.73 -3.99 22.90
CA LYS A 391 -14.24 -5.20 23.55
C LYS A 391 -15.40 -6.17 23.76
N LYS A 392 -16.57 -5.61 24.06
CA LYS A 392 -17.77 -6.41 24.28
C LYS A 392 -18.17 -7.12 22.99
N LEU A 393 -17.90 -6.48 21.86
CA LEU A 393 -18.23 -7.04 20.57
C LEU A 393 -17.36 -8.25 20.30
N ARG A 394 -16.06 -8.09 20.54
CA ARG A 394 -15.11 -9.17 20.31
C ARG A 394 -15.43 -10.44 21.07
N SER A 395 -15.75 -10.32 22.35
CA SER A 395 -16.05 -11.49 23.14
C SER A 395 -17.38 -12.10 22.75
N SER A 396 -18.34 -11.28 22.36
CA SER A 396 -19.63 -11.85 21.98
C SER A 396 -19.52 -12.63 20.68
N LEU A 397 -18.44 -12.45 19.94
CA LEU A 397 -18.26 -13.17 18.67
C LEU A 397 -17.46 -14.47 18.82
N ASN A 398 -16.80 -14.65 19.96
CA ASN A 398 -15.98 -15.84 20.22
C ASN A 398 -14.92 -15.89 19.12
N CYS A 399 -13.92 -15.03 19.23
CA CYS A 399 -12.88 -14.94 18.22
C CYS A 399 -11.61 -15.60 18.74
N LYS A 400 -10.69 -15.93 17.83
CA LYS A 400 -9.44 -16.55 18.21
C LYS A 400 -8.57 -15.43 18.76
N SER A 401 -7.40 -15.80 19.28
CA SER A 401 -6.48 -14.81 19.81
C SER A 401 -5.77 -14.17 18.62
N PHE A 402 -5.10 -13.05 18.88
CA PHE A 402 -4.36 -12.39 17.82
C PHE A 402 -3.12 -13.26 17.55
N LYS A 403 -2.71 -14.00 18.58
CA LYS A 403 -1.56 -14.90 18.47
C LYS A 403 -1.89 -15.85 17.33
N TRP A 404 -3.09 -16.40 17.38
CA TRP A 404 -3.54 -17.30 16.34
C TRP A 404 -3.40 -16.65 14.98
N PHE A 405 -3.91 -15.41 14.86
CA PHE A 405 -3.84 -14.67 13.61
C PHE A 405 -2.41 -14.56 13.09
N MET A 406 -1.49 -14.15 13.96
CA MET A 406 -0.07 -14.01 13.58
C MET A 406 0.58 -15.32 13.19
N THR A 407 0.20 -16.38 13.90
CA THR A 407 0.78 -17.69 13.69
C THR A 407 0.21 -18.50 12.53
N LYS A 408 -1.11 -18.44 12.33
CA LYS A 408 -1.72 -19.21 11.24
C LYS A 408 -2.12 -18.43 10.01
N ILE A 409 -2.25 -17.11 10.15
CA ILE A 409 -2.66 -16.28 9.03
C ILE A 409 -1.57 -15.37 8.46
N ALA A 410 -0.98 -14.56 9.32
CA ALA A 410 0.07 -13.64 8.90
C ALA A 410 1.43 -14.18 9.31
N TRP A 411 1.63 -15.48 9.20
CA TRP A 411 2.90 -16.08 9.62
C TRP A 411 4.14 -15.61 8.88
N ASP A 412 3.98 -15.04 7.70
CA ASP A 412 5.13 -14.57 6.94
C ASP A 412 5.48 -13.12 7.20
N LEU A 413 4.63 -12.42 7.95
CA LEU A 413 4.86 -11.02 8.24
C LEU A 413 6.14 -10.74 9.03
N PRO A 414 6.41 -11.50 10.10
CA PRO A 414 7.62 -11.27 10.90
C PRO A 414 8.96 -11.50 10.19
N LYS A 415 8.88 -12.05 8.99
CA LYS A 415 10.04 -12.34 8.15
C LYS A 415 10.63 -11.03 7.64
N PHE A 416 9.75 -10.07 7.34
CA PHE A 416 10.17 -8.75 6.86
C PHE A 416 10.04 -7.70 7.97
N TYR A 417 9.11 -7.92 8.89
CA TYR A 417 8.89 -6.98 9.98
C TYR A 417 8.78 -7.74 11.30
N PRO A 418 9.93 -8.18 11.84
CA PRO A 418 9.97 -8.92 13.11
C PRO A 418 9.55 -8.07 14.30
N PRO A 419 8.63 -8.58 15.12
CA PRO A 419 8.20 -7.80 16.28
C PRO A 419 9.39 -7.29 17.09
N VAL A 420 10.50 -8.03 17.04
CA VAL A 420 11.72 -7.64 17.73
C VAL A 420 12.87 -7.83 16.74
N GLU A 421 13.41 -6.71 16.28
CA GLU A 421 14.48 -6.74 15.29
C GLU A 421 15.81 -7.29 15.77
N PRO A 422 16.37 -8.28 15.03
CA PRO A 422 17.64 -8.87 15.42
C PRO A 422 18.73 -7.80 15.42
N PRO A 423 19.78 -7.99 16.22
CA PRO A 423 20.87 -7.02 16.30
C PRO A 423 21.56 -6.81 14.96
N ALA A 424 22.24 -5.68 14.83
CA ALA A 424 22.94 -5.34 13.60
C ALA A 424 24.33 -5.97 13.57
N ALA A 425 24.91 -6.03 12.37
CA ALA A 425 26.24 -6.58 12.19
C ALA A 425 27.29 -5.52 12.52
N ALA A 426 27.19 -4.37 11.86
CA ALA A 426 28.14 -3.28 12.08
C ALA A 426 27.46 -1.93 12.02
N TRP A 427 27.99 -0.96 12.76
CA TRP A 427 27.42 0.37 12.77
C TRP A 427 28.47 1.39 13.21
N GLY A 428 28.28 2.63 12.77
CA GLY A 428 29.24 3.67 13.11
C GLY A 428 29.77 4.31 11.85
N GLU A 429 31.01 4.79 11.89
CA GLU A 429 31.59 5.42 10.71
C GLU A 429 32.21 4.37 9.81
N ILE A 430 32.21 4.63 8.51
CA ILE A 430 32.79 3.71 7.54
C ILE A 430 34.00 4.41 6.94
N ARG A 431 35.19 4.05 7.43
CA ARG A 431 36.42 4.66 6.95
C ARG A 431 37.14 3.73 5.99
N ASN A 432 37.56 4.29 4.86
CA ASN A 432 38.28 3.55 3.83
C ASN A 432 39.78 3.55 4.14
N VAL A 433 40.35 2.36 4.31
CA VAL A 433 41.77 2.22 4.62
C VAL A 433 42.69 3.01 3.68
N GLY A 434 42.35 3.04 2.40
CA GLY A 434 43.16 3.74 1.41
C GLY A 434 43.29 5.24 1.61
N THR A 435 42.27 5.98 1.20
CA THR A 435 42.26 7.43 1.32
C THR A 435 42.24 7.90 2.77
N GLY A 436 41.98 6.97 3.69
CA GLY A 436 41.94 7.33 5.09
C GLY A 436 40.70 8.14 5.43
N LEU A 437 39.95 8.50 4.40
CA LEU A 437 38.72 9.29 4.54
C LEU A 437 37.52 8.43 4.99
N CYS A 438 36.42 9.09 5.34
CA CYS A 438 35.22 8.38 5.80
C CYS A 438 34.06 8.46 4.81
N ALA A 439 33.17 7.47 4.88
CA ALA A 439 32.00 7.44 4.01
C ALA A 439 31.00 8.44 4.58
N ASP A 440 30.62 9.42 3.78
CA ASP A 440 29.69 10.44 4.20
C ASP A 440 28.64 10.70 3.12
N THR A 441 27.66 11.54 3.44
CA THR A 441 26.59 11.90 2.51
C THR A 441 26.02 13.24 2.97
N LYS A 442 25.90 14.19 2.04
CA LYS A 442 25.37 15.51 2.36
C LYS A 442 23.89 15.40 2.70
N HIS A 443 23.54 14.50 3.60
CA HIS A 443 22.16 14.28 4.01
C HIS A 443 21.22 14.25 2.81
N GLY A 444 21.75 13.78 1.67
CA GLY A 444 20.94 13.69 0.47
C GLY A 444 20.04 12.47 0.52
N ALA A 445 18.83 12.66 1.04
CA ALA A 445 17.85 11.59 1.19
C ALA A 445 17.30 11.07 -0.14
N LEU A 446 17.15 11.98 -1.10
CA LEU A 446 16.63 11.63 -2.42
C LEU A 446 17.52 10.62 -3.14
N GLY A 447 18.68 11.08 -3.62
CA GLY A 447 19.59 10.19 -4.31
C GLY A 447 20.94 10.77 -4.65
N SER A 448 21.70 11.16 -3.62
CA SER A 448 23.04 11.72 -3.83
C SER A 448 24.08 10.62 -3.53
N PRO A 449 24.95 10.32 -4.50
CA PRO A 449 25.99 9.29 -4.37
C PRO A 449 26.70 9.31 -3.02
N LEU A 450 27.18 8.14 -2.58
CA LEU A 450 27.87 8.05 -1.32
C LEU A 450 29.29 8.58 -1.52
N ARG A 451 29.45 9.90 -1.36
CA ARG A 451 30.76 10.54 -1.54
C ARG A 451 31.71 10.25 -0.38
N LEU A 452 32.85 10.93 -0.37
CA LEU A 452 33.84 10.71 0.67
C LEU A 452 34.20 12.05 1.33
N GLU A 453 34.30 12.05 2.67
CA GLU A 453 34.63 13.26 3.41
C GLU A 453 35.54 12.96 4.60
N GLY A 454 36.19 14.01 5.10
CA GLY A 454 37.08 13.86 6.23
C GLY A 454 36.30 13.42 7.45
N CYS A 455 36.80 12.40 8.14
CA CYS A 455 36.13 11.87 9.32
C CYS A 455 35.83 12.88 10.40
N VAL A 456 34.59 12.87 10.87
CA VAL A 456 34.12 13.77 11.92
C VAL A 456 34.31 13.09 13.27
N ARG A 457 33.83 11.85 13.39
CA ARG A 457 33.96 11.08 14.62
C ARG A 457 33.20 11.72 15.80
N GLY A 458 32.18 12.52 15.50
CA GLY A 458 31.40 13.18 16.55
C GLY A 458 32.06 14.42 17.12
N ARG A 459 33.23 14.75 16.58
CA ARG A 459 33.98 15.92 17.03
C ARG A 459 33.91 17.01 15.96
N GLY A 460 32.95 16.89 15.06
CA GLY A 460 32.83 17.87 14.00
C GLY A 460 31.73 18.90 14.17
N GLU A 461 31.79 19.93 13.34
CA GLU A 461 30.81 21.03 13.36
C GLU A 461 29.64 20.60 12.47
N ALA A 462 28.42 20.81 12.95
CA ALA A 462 27.23 20.45 12.19
C ALA A 462 26.99 21.43 11.05
N ALA A 463 27.86 22.44 10.94
CA ALA A 463 27.73 23.44 9.89
C ALA A 463 28.05 22.89 8.51
N TRP A 464 28.94 21.89 8.45
CA TRP A 464 29.32 21.32 7.16
C TRP A 464 28.40 20.18 6.74
N ASN A 465 27.37 19.91 7.56
CA ASN A 465 26.42 18.84 7.28
C ASN A 465 27.14 17.51 7.05
N ASN A 466 27.45 16.81 8.14
CA ASN A 466 28.15 15.53 8.06
C ASN A 466 27.32 14.38 8.61
N MET A 467 27.07 13.40 7.76
CA MET A 467 26.33 12.19 8.13
C MET A 467 27.29 11.03 7.88
N GLN A 468 28.02 10.65 8.93
CA GLN A 468 28.99 9.57 8.85
C GLN A 468 28.66 8.40 9.74
N VAL A 469 27.38 8.24 10.02
CA VAL A 469 26.94 7.14 10.85
C VAL A 469 26.09 6.22 9.99
N PHE A 470 26.41 4.93 10.04
CA PHE A 470 25.70 3.95 9.24
C PHE A 470 25.49 2.66 10.01
N THR A 471 24.54 1.87 9.54
CA THR A 471 24.24 0.60 10.17
C THR A 471 24.05 -0.49 9.12
N PHE A 472 24.71 -1.61 9.35
CA PHE A 472 24.62 -2.77 8.48
C PHE A 472 23.60 -3.64 9.22
N THR A 473 22.32 -3.32 9.04
CA THR A 473 21.23 -4.01 9.72
C THR A 473 21.18 -5.53 9.52
N TRP A 474 20.22 -6.15 10.18
CA TRP A 474 20.01 -7.59 10.12
C TRP A 474 19.56 -8.08 8.74
N ARG A 475 19.07 -7.16 7.91
CA ARG A 475 18.61 -7.50 6.57
C ARG A 475 19.74 -7.56 5.56
N GLU A 476 20.98 -7.47 6.05
CA GLU A 476 22.15 -7.52 5.17
C GLU A 476 22.28 -6.29 4.29
N ASP A 477 21.63 -5.19 4.70
CA ASP A 477 21.69 -3.95 3.93
C ASP A 477 22.35 -2.85 4.75
N ILE A 478 22.79 -1.79 4.07
CA ILE A 478 23.44 -0.67 4.73
C ILE A 478 22.59 0.58 4.66
N ARG A 479 22.28 1.16 5.82
CA ARG A 479 21.50 2.39 5.85
C ARG A 479 22.03 3.39 6.88
N PRO A 480 21.91 4.69 6.57
CA PRO A 480 22.39 5.75 7.46
C PRO A 480 21.70 5.78 8.81
N GLY A 481 22.39 6.35 9.80
CA GLY A 481 21.84 6.47 11.13
C GLY A 481 22.31 5.37 12.06
N ASP A 482 21.94 5.52 13.34
CA ASP A 482 22.30 4.55 14.36
C ASP A 482 21.43 3.31 14.17
N PRO A 483 21.95 2.14 14.55
CA PRO A 483 21.21 0.89 14.40
C PRO A 483 19.86 0.94 15.09
N GLN A 484 19.61 2.03 15.80
CA GLN A 484 18.35 2.20 16.52
C GLN A 484 17.50 3.28 15.86
N HIS A 485 18.15 4.21 15.15
CA HIS A 485 17.44 5.29 14.48
C HIS A 485 17.80 5.32 13.00
N THR A 486 17.79 4.16 12.37
CA THR A 486 18.14 4.05 10.95
C THR A 486 17.11 4.72 10.07
N LYS A 487 17.53 5.05 8.85
CA LYS A 487 16.65 5.68 7.86
C LYS A 487 16.25 4.68 6.79
N LYS A 488 15.09 4.91 6.19
CA LYS A 488 14.56 4.04 5.15
C LYS A 488 15.32 4.16 3.83
N PHE A 489 16.60 4.53 3.92
CA PHE A 489 17.44 4.66 2.73
C PHE A 489 18.52 3.60 2.77
N CYS A 490 18.64 2.84 1.70
CA CYS A 490 19.62 1.77 1.62
C CYS A 490 20.69 2.03 0.58
N PHE A 491 21.79 1.27 0.65
CA PHE A 491 22.87 1.43 -0.31
C PHE A 491 22.51 0.62 -1.56
N ASP A 492 22.04 1.32 -2.60
CA ASP A 492 21.65 0.69 -3.86
C ASP A 492 22.64 0.99 -4.97
N ALA A 493 23.16 -0.06 -5.60
CA ALA A 493 24.13 0.09 -6.69
C ALA A 493 23.68 -0.71 -7.91
N ILE A 494 23.71 -0.06 -9.08
CA ILE A 494 23.29 -0.70 -10.33
C ILE A 494 24.37 -1.62 -10.92
N SER A 495 25.20 -1.07 -11.80
CA SER A 495 26.26 -1.82 -12.44
C SER A 495 27.39 -2.19 -11.49
N HIS A 496 28.54 -2.54 -12.06
CA HIS A 496 29.72 -2.89 -11.27
C HIS A 496 30.75 -1.78 -11.37
N THR A 497 30.26 -0.56 -11.62
CA THR A 497 31.13 0.61 -11.73
C THR A 497 30.38 1.88 -11.29
N SER A 498 29.06 1.80 -11.21
CA SER A 498 28.26 2.94 -10.81
C SER A 498 28.45 3.24 -9.32
N PRO A 499 28.20 4.50 -8.91
CA PRO A 499 28.35 4.90 -7.51
C PRO A 499 27.20 4.40 -6.63
N VAL A 500 27.44 4.33 -5.33
CA VAL A 500 26.42 3.87 -4.40
C VAL A 500 25.33 4.93 -4.27
N THR A 501 24.12 4.49 -3.93
CA THR A 501 23.00 5.41 -3.79
C THR A 501 22.15 5.11 -2.57
N LEU A 502 21.45 6.13 -2.09
CA LEU A 502 20.58 5.99 -0.93
C LEU A 502 19.15 5.84 -1.41
N TYR A 503 18.93 4.93 -2.36
CA TYR A 503 17.61 4.66 -2.89
C TYR A 503 16.74 4.05 -1.78
N ASP A 504 15.43 4.24 -1.87
CA ASP A 504 14.49 3.72 -0.88
C ASP A 504 14.75 2.23 -0.62
N CYS A 505 14.63 1.82 0.63
CA CYS A 505 14.86 0.43 1.01
C CYS A 505 13.66 -0.44 0.67
N HIS A 506 13.93 -1.60 0.08
CA HIS A 506 12.91 -2.57 -0.26
C HIS A 506 13.42 -3.86 0.36
N SER A 507 12.71 -4.42 1.32
CA SER A 507 13.15 -5.63 1.99
C SER A 507 13.39 -6.81 1.05
N MET A 508 14.30 -6.63 0.10
CA MET A 508 14.63 -7.65 -0.87
C MET A 508 16.14 -7.61 -1.07
N LYS A 509 16.80 -8.76 -0.95
CA LYS A 509 18.25 -8.85 -1.11
C LYS A 509 18.67 -8.52 -2.55
N GLY A 510 17.98 -7.58 -3.17
CA GLY A 510 18.30 -7.22 -4.54
C GLY A 510 19.59 -6.44 -4.65
N ASN A 511 19.51 -5.24 -5.21
CA ASN A 511 20.69 -4.41 -5.37
C ASN A 511 21.02 -3.67 -4.07
N GLN A 512 20.41 -4.14 -2.98
CA GLN A 512 20.63 -3.58 -1.66
C GLN A 512 21.19 -4.66 -0.74
N LEU A 513 21.76 -5.69 -1.35
CA LEU A 513 22.35 -6.80 -0.61
C LEU A 513 23.87 -6.64 -0.57
N TRP A 514 24.42 -6.42 0.61
CA TRP A 514 25.86 -6.27 0.73
C TRP A 514 26.45 -7.42 1.51
N LYS A 515 27.78 -7.49 1.52
CA LYS A 515 28.51 -8.54 2.20
C LYS A 515 29.81 -7.94 2.73
N TYR A 516 30.00 -7.99 4.04
CA TYR A 516 31.21 -7.46 4.66
C TYR A 516 32.06 -8.67 5.06
N ARG A 517 33.11 -8.95 4.29
CA ARG A 517 33.98 -10.11 4.58
C ARG A 517 35.22 -9.75 5.40
N LYS A 518 35.95 -10.78 5.81
CA LYS A 518 37.17 -10.61 6.60
C LYS A 518 38.19 -9.77 5.84
N ASP A 519 38.10 -9.80 4.51
CA ASP A 519 39.01 -9.03 3.67
C ASP A 519 38.63 -7.55 3.66
N LYS A 520 37.77 -7.16 4.59
CA LYS A 520 37.33 -5.77 4.71
C LYS A 520 36.84 -5.18 3.38
N THR A 521 35.80 -5.78 2.82
CA THR A 521 35.24 -5.28 1.56
C THR A 521 33.73 -5.44 1.60
N LEU A 522 33.04 -4.54 0.92
CA LEU A 522 31.58 -4.55 0.87
C LEU A 522 31.13 -5.19 -0.44
N TYR A 523 31.18 -6.53 -0.45
CA TYR A 523 30.81 -7.33 -1.61
C TYR A 523 29.35 -7.15 -2.05
N HIS A 524 29.16 -6.99 -3.36
CA HIS A 524 27.83 -6.82 -3.95
C HIS A 524 27.62 -8.02 -4.88
N PRO A 525 26.97 -9.10 -4.37
CA PRO A 525 26.70 -10.32 -5.15
C PRO A 525 25.78 -10.19 -6.37
N VAL A 526 24.80 -9.29 -6.30
CA VAL A 526 23.86 -9.08 -7.40
C VAL A 526 24.52 -8.33 -8.55
N SER A 527 25.77 -7.94 -8.35
CA SER A 527 26.55 -7.21 -9.36
C SER A 527 27.92 -7.86 -9.54
N GLY A 528 28.26 -8.76 -8.61
CA GLY A 528 29.54 -9.45 -8.65
C GLY A 528 30.73 -8.54 -8.47
N SER A 529 30.47 -7.30 -8.07
CA SER A 529 31.53 -6.32 -7.85
C SER A 529 31.62 -5.83 -6.40
N CYS A 530 32.69 -5.13 -6.09
CA CYS A 530 32.92 -4.61 -4.74
C CYS A 530 32.86 -3.09 -4.73
N MET A 531 32.89 -2.52 -3.52
CA MET A 531 32.84 -1.07 -3.39
C MET A 531 34.24 -0.49 -3.43
N ASP A 532 34.42 0.51 -4.29
CA ASP A 532 35.71 1.17 -4.45
C ASP A 532 35.51 2.70 -4.48
N CYS A 533 36.62 3.43 -4.33
CA CYS A 533 36.57 4.89 -4.35
C CYS A 533 37.81 5.47 -5.04
N SER A 534 37.61 6.56 -5.78
CA SER A 534 38.71 7.21 -6.49
C SER A 534 39.65 7.86 -5.47
N GLU A 535 40.90 7.39 -5.45
CA GLU A 535 41.92 7.90 -4.53
C GLU A 535 42.10 9.41 -4.66
N SER A 536 41.77 9.94 -5.83
CA SER A 536 41.90 11.38 -6.08
C SER A 536 40.79 12.13 -5.37
N ASP A 537 40.40 11.61 -4.20
CA ASP A 537 39.36 12.20 -3.39
C ASP A 537 38.08 12.46 -4.18
N HIS A 538 37.49 11.39 -4.72
CA HIS A 538 36.25 11.51 -5.49
C HIS A 538 35.15 10.61 -4.93
N ARG A 539 34.03 10.54 -5.64
CA ARG A 539 32.90 9.73 -5.22
C ARG A 539 33.29 8.27 -5.03
N ILE A 540 32.39 7.51 -4.43
CA ILE A 540 32.63 6.09 -4.20
C ILE A 540 31.83 5.35 -5.27
N PHE A 541 32.50 4.44 -5.98
CA PHE A 541 31.85 3.67 -7.04
C PHE A 541 32.27 2.20 -7.06
N MET A 542 31.40 1.35 -7.62
CA MET A 542 31.68 -0.07 -7.72
C MET A 542 32.83 -0.33 -8.69
N ASN A 543 33.43 -1.52 -8.60
CA ASN A 543 34.53 -1.86 -9.48
C ASN A 543 34.93 -3.31 -9.29
N THR A 544 36.02 -3.72 -9.95
CA THR A 544 36.51 -5.08 -9.86
C THR A 544 37.05 -5.37 -8.46
N CYS A 545 36.47 -6.37 -7.81
CA CYS A 545 36.89 -6.74 -6.45
C CYS A 545 38.40 -6.96 -6.43
N ASN A 546 39.00 -6.81 -5.25
CA ASN A 546 40.43 -6.99 -5.10
C ASN A 546 40.86 -6.92 -3.63
N PRO A 547 40.86 -8.08 -2.94
CA PRO A 547 41.24 -8.19 -1.52
C PRO A 547 42.68 -7.79 -1.21
N SER A 548 43.29 -7.01 -2.10
CA SER A 548 44.67 -6.56 -1.92
C SER A 548 44.74 -5.03 -2.02
N SER A 549 43.75 -4.44 -2.66
CA SER A 549 43.68 -2.99 -2.83
C SER A 549 43.37 -2.31 -1.50
N LEU A 550 43.64 -1.01 -1.41
CA LEU A 550 43.39 -0.26 -0.18
C LEU A 550 42.14 0.62 -0.29
N THR A 551 41.76 0.95 -1.52
CA THR A 551 40.60 1.79 -1.77
C THR A 551 39.29 1.01 -1.71
N GLN A 552 39.41 -0.31 -1.53
CA GLN A 552 38.23 -1.18 -1.45
C GLN A 552 38.14 -1.78 -0.05
N GLN A 553 39.11 -1.42 0.79
CA GLN A 553 39.15 -1.91 2.16
C GLN A 553 38.40 -0.93 3.06
N TRP A 554 37.36 -1.41 3.75
CA TRP A 554 36.59 -0.54 4.63
C TRP A 554 36.62 -1.00 6.08
N LEU A 555 36.38 -0.06 6.98
CA LEU A 555 36.39 -0.35 8.41
C LEU A 555 35.22 0.31 9.14
N PHE A 556 34.41 -0.50 9.81
CA PHE A 556 33.28 0.02 10.57
C PHE A 556 33.76 0.30 11.98
N GLU A 557 33.03 1.12 12.71
CA GLU A 557 33.43 1.44 14.07
C GLU A 557 33.22 0.25 15.00
N HIS A 558 32.04 -0.33 14.96
CA HIS A 558 31.72 -1.47 15.81
C HIS A 558 31.28 -2.67 14.97
N THR A 559 31.09 -3.82 15.64
CA THR A 559 30.68 -5.02 14.93
C THR A 559 30.11 -6.13 15.81
N ASN A 560 29.85 -7.27 15.17
CA ASN A 560 29.31 -8.44 15.84
C ASN A 560 29.56 -9.63 14.91
N SER A 561 30.81 -10.11 14.94
CA SER A 561 31.24 -11.23 14.10
C SER A 561 30.26 -12.40 14.12
N THR A 562 29.57 -12.58 15.24
CA THR A 562 28.61 -13.67 15.36
C THR A 562 27.57 -13.56 14.25
N VAL A 563 27.37 -12.33 13.78
CA VAL A 563 26.41 -12.08 12.71
C VAL A 563 27.12 -11.95 11.36
N LEU A 564 28.40 -11.54 11.40
CA LEU A 564 29.19 -11.39 10.18
C LEU A 564 29.61 -12.77 9.66
N GLU A 565 29.32 -13.80 10.46
CA GLU A 565 29.65 -15.17 10.08
C GLU A 565 28.37 -15.82 9.58
N LYS A 566 27.28 -15.06 9.67
CA LYS A 566 25.97 -15.53 9.23
C LYS A 566 25.97 -15.79 7.73
N PHE A 567 25.52 -14.80 6.96
CA PHE A 567 25.45 -14.95 5.51
C PHE A 567 26.72 -14.48 4.80
N ASN A 568 27.77 -15.26 4.95
CA ASN A 568 29.07 -15.00 4.32
C ASN A 568 29.57 -16.35 3.81
N ARG A 569 28.84 -17.39 4.18
CA ARG A 569 29.17 -18.76 3.80
C ARG A 569 27.97 -19.49 3.19
N ASN A 570 28.23 -20.47 2.34
CA ASN A 570 27.17 -21.25 1.68
C ASN A 570 27.16 -22.71 2.15
C1 NAG B . -20.38 7.07 -21.12
C2 NAG B . -21.24 6.95 -22.40
C3 NAG B . -22.67 7.45 -22.14
C4 NAG B . -23.25 6.65 -21.00
C5 NAG B . -22.37 6.94 -19.78
C6 NAG B . -22.87 6.33 -18.48
C7 NAG B . -19.96 7.05 -24.43
C8 NAG B . -18.66 7.68 -24.88
N2 NAG B . -20.66 7.70 -23.50
O3 NAG B . -23.47 7.31 -23.32
O4 NAG B . -24.63 7.03 -20.77
O5 NAG B . -21.05 6.43 -20.02
O6 NAG B . -23.27 4.98 -18.66
O7 NAG B . -20.33 5.97 -24.90
C1 NAG B . -25.58 6.02 -20.65
C2 NAG B . -26.99 6.62 -20.77
C3 NAG B . -28.04 5.51 -20.67
C4 NAG B . -27.77 4.46 -21.75
C5 NAG B . -26.32 3.94 -21.63
C6 NAG B . -25.95 2.97 -22.74
C7 NAG B . -27.85 8.75 -20.05
C8 NAG B . -28.99 9.17 -19.14
N2 NAG B . -27.20 7.63 -19.75
O3 NAG B . -29.34 6.05 -20.83
O4 NAG B . -28.70 3.37 -21.62
O5 NAG B . -25.38 5.06 -21.70
O6 NAG B . -25.59 1.71 -22.20
O7 NAG B . -27.57 9.44 -21.04
C1 NAG C . 25.78 -9.22 18.73
C2 NAG C . 25.13 -10.61 18.94
C3 NAG C . 23.85 -10.53 19.82
C4 NAG C . 24.12 -9.71 21.07
C5 NAG C . 24.70 -8.35 20.68
C6 NAG C . 24.96 -7.44 21.86
C7 NAG C . 24.08 -12.32 17.58
C8 NAG C . 22.67 -12.21 17.06
N2 NAG C . 24.80 -11.19 17.66
O3 NAG C . 23.44 -11.83 20.19
O4 NAG C . 22.90 -9.54 21.80
O5 NAG C . 25.94 -8.53 19.99
O6 NAG C . 24.28 -6.20 21.72
O7 NAG C . 24.53 -13.41 17.92
C1 NGA D . -6.02 3.05 2.34
C2 NGA D . -7.31 2.94 1.53
C3 NGA D . -8.26 4.08 1.93
C4 NGA D . -8.53 3.98 3.44
C5 NGA D . -7.20 4.01 4.19
C6 NGA D . -7.48 3.82 5.68
C7 NGA D . -6.98 1.88 -0.66
C8 NGA D . -6.66 2.10 -2.13
N2 NGA D . -7.03 2.99 0.08
O1 NGA D . -5.15 1.97 1.98
O3 NGA D . -9.49 3.94 1.21
O4 NGA D . -9.21 2.75 3.72
O5 NGA D . -6.34 2.94 3.74
O6 NGA D . -8.36 4.84 6.15
O7 NGA D . -7.21 0.75 -0.23
C1 NAG E . -31.39 -8.16 -5.56
C2 NAG E . -32.32 -7.05 -5.05
C3 NAG E . -32.68 -7.33 -3.58
C4 NAG E . -33.32 -8.72 -3.46
C5 NAG E . -32.46 -9.80 -4.16
C6 NAG E . -33.18 -11.14 -4.27
C7 NAG E . -32.45 -4.70 -5.59
C8 NAG E . -32.38 -4.31 -7.06
N2 NAG E . -31.70 -5.73 -5.19
O3 NAG E . -33.59 -6.35 -3.10
O4 NAG E . -33.46 -9.04 -2.08
O5 NAG E . -32.13 -9.40 -5.52
O6 NAG E . -32.27 -12.20 -4.54
O7 NAG E . -33.17 -4.07 -4.82
MN MN F . -8.19 6.76 -2.11
N1 UDP G . -13.22 10.48 2.55
C2 UDP G . -14.36 10.78 3.28
N3 UDP G . -14.25 11.50 4.44
C4 UDP G . -13.03 11.92 4.91
C5 UDP G . -11.87 11.61 4.19
C6 UDP G . -11.98 10.79 3.06
O2 UDP G . -15.48 10.44 2.90
O4 UDP G . -12.98 12.56 5.94
C1' UDP G . -13.37 9.68 1.33
C2' UDP G . -12.49 10.07 0.16
O2' UDP G . -13.15 11.02 -0.67
C3' UDP G . -12.25 8.74 -0.53
C4' UDP G . -12.33 7.71 0.59
O4' UDP G . -13.02 8.35 1.65
O3' UDP G . -13.29 8.44 -1.45
C5' UDP G . -10.97 7.20 1.08
O5' UDP G . -10.15 8.25 1.56
PA UDP G . -8.79 8.66 0.80
O1A UDP G . -8.90 8.42 -0.66
O2A UDP G . -8.45 10.06 1.13
O3A UDP G . -7.73 7.62 1.40
PB UDP G . -6.49 7.04 0.57
O1B UDP G . -6.92 6.14 -0.53
O2B UDP G . -5.69 8.12 -0.05
O3B UDP G . -5.68 6.33 1.60
#